data_6GTB
#
_entry.id   6GTB
#
_cell.length_a   91.338
_cell.length_b   91.338
_cell.length_c   133.065
_cell.angle_alpha   90.00
_cell.angle_beta   90.00
_cell.angle_gamma   90.00
#
_symmetry.space_group_name_H-M   'I 4 2 2'
#
loop_
_entity.id
_entity.type
_entity.pdbx_description
1 polymer '17-beta-hydroxysteroid dehydrogenase 14'
2 non-polymer NICOTINAMIDE-ADENINE-DINUCLEOTIDE
3 non-polymer 'SODIUM ION'
4 non-polymer beta-D-glucopyranose
5 non-polymer '3-[6-(3-hydroxyphenyl)pyridin-2-yl]benzoic acid'
6 non-polymer 1,2-ETHANEDIOL
7 non-polymer 'DIMETHYL SULFOXIDE'
8 water water
#
_entity_poly.entity_id   1
_entity_poly.type   'polypeptide(L)'
_entity_poly.pdbx_seq_one_letter_code
;GHMATGTRYAGKVVVVTGGGRGIGAGIVRAFVNSGARVVICDKDESGGRALEQELPGAVFILCDVTQEDDVKTLVSETIR
RFGRLDCVVNNAGHHPPPQRPEETSAQGFRQLLELNLLGTYTLTKLALPYLRKSQGNVINISSLVGAIGQAQAVPYVATK
GAVTAMTKALALDESPYGVRVNCISPGNIWTPLWEELAALMPDPRATIREGMLAQPLGRMGQPAEVGAAAVFLASEANFC
TGIELLVTGGAELGYGCKASRSTPVDAPDIPSGS
;
_entity_poly.pdbx_strand_id   A
#
# COMPACT_ATOMS: atom_id res chain seq x y z
N GLY A 6 2.21 20.56 9.12
CA GLY A 6 3.63 20.42 9.40
C GLY A 6 3.93 19.86 10.78
N THR A 7 2.90 19.78 11.63
CA THR A 7 3.10 19.29 12.98
C THR A 7 2.20 18.13 13.35
N ARG A 8 1.29 17.71 12.47
CA ARG A 8 0.31 16.69 12.82
C ARG A 8 0.95 15.39 13.24
N TYR A 9 2.12 15.06 12.69
CA TYR A 9 2.79 13.80 13.03
C TYR A 9 4.26 14.08 13.33
N ALA A 10 4.52 15.22 13.95
CA ALA A 10 5.89 15.62 14.29
C ALA A 10 6.49 14.66 15.32
N GLY A 11 7.80 14.41 15.17
CA GLY A 11 8.52 13.58 16.13
C GLY A 11 8.37 12.10 15.89
N LYS A 12 7.56 11.70 14.92
CA LYS A 12 7.24 10.30 14.66
C LYS A 12 8.10 9.78 13.51
N VAL A 13 8.28 8.46 13.49
CA VAL A 13 9.11 7.76 12.50
C VAL A 13 8.23 6.77 11.75
N VAL A 14 8.26 6.84 10.41
CA VAL A 14 7.40 6.07 9.54
C VAL A 14 8.24 5.31 8.52
N VAL A 15 7.90 4.05 8.29
CA VAL A 15 8.49 3.25 7.22
C VAL A 15 7.44 3.04 6.16
N VAL A 16 7.79 3.34 4.90
CA VAL A 16 6.88 3.14 3.77
C VAL A 16 7.55 2.16 2.80
N THR A 17 6.95 0.99 2.61
CA THR A 17 7.49 0.07 1.61
C THR A 17 6.98 0.39 0.20
N GLY A 18 7.80 0.06 -0.80
CA GLY A 18 7.50 0.49 -2.16
C GLY A 18 7.37 1.99 -2.28
N GLY A 19 8.18 2.75 -1.53
CA GLY A 19 8.01 4.18 -1.50
C GLY A 19 8.72 4.97 -2.58
N GLY A 20 9.35 4.30 -3.56
CA GLY A 20 10.13 5.00 -4.57
C GLY A 20 9.35 5.67 -5.68
N ARG A 21 8.10 5.26 -5.92
CA ARG A 21 7.28 5.85 -6.97
C ARG A 21 5.80 5.57 -6.65
N GLY A 22 4.92 6.15 -7.47
CA GLY A 22 3.50 5.78 -7.38
C GLY A 22 2.88 6.18 -6.06
N ILE A 23 1.95 5.33 -5.59
CA ILE A 23 1.25 5.59 -4.34
C ILE A 23 2.24 5.73 -3.19
N GLY A 24 3.21 4.83 -3.12
CA GLY A 24 4.19 4.85 -2.05
C GLY A 24 4.89 6.19 -1.93
N ALA A 25 5.30 6.75 -3.07
CA ALA A 25 5.97 8.05 -3.02
C ALA A 25 5.01 9.14 -2.56
N GLY A 26 3.73 9.05 -2.95
CA GLY A 26 2.74 10.00 -2.46
C GLY A 26 2.56 9.90 -0.96
N ILE A 27 2.62 8.68 -0.43
CA ILE A 27 2.51 8.51 1.01
C ILE A 27 3.73 9.07 1.72
N VAL A 28 4.93 8.80 1.18
CA VAL A 28 6.15 9.39 1.73
C VAL A 28 6.01 10.90 1.83
N ARG A 29 5.61 11.52 0.73
CA ARG A 29 5.53 12.98 0.72
C ARG A 29 4.52 13.48 1.75
N ALA A 30 3.39 12.80 1.86
CA ALA A 30 2.37 13.22 2.82
C ALA A 30 2.89 13.17 4.25
N PHE A 31 3.61 12.12 4.61
CA PHE A 31 4.14 12.02 5.96
C PHE A 31 5.25 13.03 6.21
N VAL A 32 6.11 13.28 5.23
CA VAL A 32 7.13 14.32 5.43
C VAL A 32 6.47 15.68 5.66
N ASN A 33 5.44 15.99 4.88
CA ASN A 33 4.71 17.25 5.04
C ASN A 33 4.00 17.34 6.38
N SER A 34 3.73 16.23 7.04
N SER A 34 3.73 16.20 7.04
CA SER A 34 3.11 16.26 8.35
CA SER A 34 3.10 16.18 8.34
C SER A 34 4.13 16.25 9.49
C SER A 34 4.11 16.32 9.48
N GLY A 35 5.41 16.38 9.18
CA GLY A 35 6.43 16.54 10.20
C GLY A 35 7.16 15.28 10.59
N ALA A 36 6.84 14.15 9.97
CA ALA A 36 7.46 12.89 10.34
C ALA A 36 8.80 12.72 9.64
N ARG A 37 9.65 11.88 10.23
CA ARG A 37 10.79 11.32 9.52
C ARG A 37 10.36 10.02 8.85
N VAL A 38 10.80 9.82 7.61
CA VAL A 38 10.30 8.70 6.82
C VAL A 38 11.46 7.89 6.29
N VAL A 39 11.37 6.57 6.45
CA VAL A 39 12.28 5.63 5.80
C VAL A 39 11.58 5.09 4.56
N ILE A 40 12.17 5.37 3.40
CA ILE A 40 11.68 4.87 2.13
C ILE A 40 12.31 3.50 1.88
N CYS A 41 11.50 2.45 1.78
CA CYS A 41 11.97 1.12 1.41
C CYS A 41 11.55 0.84 -0.03
N ASP A 42 12.48 0.35 -0.84
CA ASP A 42 12.14 -0.10 -2.19
C ASP A 42 13.19 -1.08 -2.66
N LYS A 43 12.79 -1.98 -3.56
CA LYS A 43 13.73 -2.91 -4.16
C LYS A 43 14.52 -2.29 -5.30
N ASP A 44 14.04 -1.16 -5.83
N ASP A 44 14.06 -1.12 -5.78
CA ASP A 44 14.74 -0.44 -6.89
CA ASP A 44 14.64 -0.38 -6.89
C ASP A 44 15.28 0.87 -6.35
C ASP A 44 15.26 0.91 -6.35
N GLU A 45 16.52 1.18 -6.72
CA GLU A 45 17.24 2.33 -6.19
C GLU A 45 16.78 3.66 -6.81
N SER A 46 16.31 3.63 -8.06
CA SER A 46 16.23 4.82 -8.88
C SER A 46 15.37 5.92 -8.23
N GLY A 47 14.08 5.63 -8.03
CA GLY A 47 13.19 6.64 -7.51
C GLY A 47 13.44 6.96 -6.06
N GLY A 48 13.67 5.93 -5.24
CA GLY A 48 13.83 6.16 -3.81
C GLY A 48 15.05 6.99 -3.46
N ARG A 49 16.17 6.76 -4.15
CA ARG A 49 17.37 7.53 -3.87
C ARG A 49 17.16 8.99 -4.22
N ALA A 50 16.47 9.26 -5.33
CA ALA A 50 16.18 10.64 -5.69
C ALA A 50 15.26 11.30 -4.66
N LEU A 51 14.26 10.56 -4.17
CA LEU A 51 13.36 11.08 -3.15
C LEU A 51 14.11 11.46 -1.86
N GLU A 52 15.10 10.66 -1.48
N GLU A 52 15.07 10.63 -1.44
CA GLU A 52 15.90 10.95 -0.29
CA GLU A 52 15.87 11.00 -0.27
C GLU A 52 16.71 12.23 -0.45
C GLU A 52 16.54 12.35 -0.49
N GLN A 53 17.16 12.52 -1.68
CA GLN A 53 17.87 13.76 -1.92
C GLN A 53 16.92 14.95 -1.91
N GLU A 54 15.71 14.73 -2.41
CA GLU A 54 14.72 15.80 -2.54
C GLU A 54 14.13 16.22 -1.20
N LEU A 55 13.83 15.26 -0.31
CA LEU A 55 13.06 15.52 0.90
C LEU A 55 13.92 15.49 2.15
N PRO A 56 14.16 16.61 2.80
CA PRO A 56 14.75 16.52 4.13
C PRO A 56 13.81 15.76 5.04
N GLY A 57 14.38 14.89 5.82
CA GLY A 57 13.55 14.08 6.67
C GLY A 57 13.13 12.76 6.09
N ALA A 58 13.42 12.49 4.82
CA ALA A 58 13.31 11.14 4.26
C ALA A 58 14.68 10.57 3.94
N VAL A 59 14.86 9.27 4.20
CA VAL A 59 16.06 8.53 3.81
C VAL A 59 15.64 7.26 3.10
N PHE A 60 16.53 6.74 2.28
CA PHE A 60 16.28 5.55 1.47
C PHE A 60 17.08 4.35 1.98
N ILE A 61 16.39 3.21 2.13
CA ILE A 61 17.02 1.94 2.47
C ILE A 61 16.59 0.92 1.43
N LEU A 62 17.55 0.37 0.69
CA LEU A 62 17.25 -0.66 -0.29
C LEU A 62 16.80 -1.93 0.43
N CYS A 63 15.63 -2.44 0.05
CA CYS A 63 15.07 -3.58 0.79
C CYS A 63 13.98 -4.19 -0.08
N ASP A 64 14.15 -5.48 -0.39
CA ASP A 64 13.13 -6.29 -1.06
C ASP A 64 12.29 -6.97 0.02
N VAL A 65 11.01 -6.60 0.11
CA VAL A 65 10.19 -7.09 1.21
C VAL A 65 9.92 -8.59 1.14
N THR A 66 10.26 -9.26 0.03
CA THR A 66 10.12 -10.72 -0.03
C THR A 66 11.31 -11.44 0.57
N GLN A 67 12.33 -10.72 1.02
CA GLN A 67 13.56 -11.31 1.56
C GLN A 67 13.59 -10.98 3.05
N GLU A 68 13.39 -12.00 3.90
CA GLU A 68 13.18 -11.76 5.32
C GLU A 68 14.37 -11.05 5.95
N ASP A 69 15.59 -11.38 5.52
CA ASP A 69 16.76 -10.72 6.10
C ASP A 69 16.89 -9.27 5.64
N ASP A 70 16.45 -8.93 4.42
CA ASP A 70 16.37 -7.52 4.03
C ASP A 70 15.46 -6.77 4.99
N VAL A 71 14.33 -7.36 5.34
CA VAL A 71 13.35 -6.69 6.18
C VAL A 71 13.86 -6.58 7.62
N LYS A 72 14.53 -7.63 8.12
N LYS A 72 14.53 -7.62 8.12
CA LYS A 72 15.13 -7.53 9.45
CA LYS A 72 15.11 -7.51 9.46
C LYS A 72 16.09 -6.35 9.51
C LYS A 72 16.10 -6.34 9.53
N THR A 73 16.91 -6.17 8.48
CA THR A 73 17.86 -5.08 8.44
C THR A 73 17.14 -3.74 8.31
N LEU A 74 16.05 -3.68 7.54
CA LEU A 74 15.27 -2.45 7.45
C LEU A 74 14.83 -1.96 8.82
N VAL A 75 14.27 -2.87 9.64
CA VAL A 75 13.81 -2.48 10.98
C VAL A 75 14.99 -2.12 11.86
N SER A 76 16.04 -2.94 11.86
CA SER A 76 17.13 -2.64 12.78
C SER A 76 17.83 -1.35 12.42
N GLU A 77 17.93 -1.02 11.12
CA GLU A 77 18.54 0.25 10.72
C GLU A 77 17.65 1.44 11.04
N THR A 78 16.32 1.29 10.91
CA THR A 78 15.40 2.37 11.29
C THR A 78 15.56 2.70 12.77
N ILE A 79 15.61 1.68 13.62
CA ILE A 79 15.80 1.90 15.05
C ILE A 79 17.18 2.48 15.34
N ARG A 80 18.23 1.94 14.69
CA ARG A 80 19.58 2.44 14.97
C ARG A 80 19.70 3.91 14.58
N ARG A 81 19.07 4.30 13.48
CA ARG A 81 19.24 5.65 12.96
C ARG A 81 18.27 6.67 13.58
N PHE A 82 17.07 6.27 13.97
CA PHE A 82 16.04 7.21 14.40
C PHE A 82 15.48 6.95 15.78
N GLY A 83 15.79 5.81 16.41
CA GLY A 83 15.50 5.61 17.82
C GLY A 83 14.09 5.19 18.18
N ARG A 84 13.18 5.03 17.22
CA ARG A 84 11.79 4.68 17.49
C ARG A 84 11.15 4.33 16.17
N LEU A 85 9.97 3.70 16.25
CA LEU A 85 9.17 3.39 15.06
C LEU A 85 7.70 3.53 15.43
N ASP A 86 6.99 4.39 14.72
CA ASP A 86 5.61 4.74 15.00
C ASP A 86 4.59 4.19 14.03
N CYS A 87 4.96 4.00 12.76
CA CYS A 87 4.00 3.61 11.74
C CYS A 87 4.72 2.86 10.63
N VAL A 88 4.11 1.75 10.21
N VAL A 88 4.14 1.75 10.20
CA VAL A 88 4.55 0.99 9.05
CA VAL A 88 4.62 1.02 9.03
C VAL A 88 3.45 1.05 8.02
C VAL A 88 3.49 1.00 8.00
N VAL A 89 3.80 1.45 6.79
CA VAL A 89 2.86 1.49 5.68
C VAL A 89 3.30 0.41 4.69
N ASN A 90 2.49 -0.64 4.57
CA ASN A 90 2.82 -1.77 3.72
C ASN A 90 2.19 -1.52 2.36
N ASN A 91 2.93 -0.86 1.49
CA ASN A 91 2.44 -0.45 0.17
C ASN A 91 3.03 -1.28 -0.97
N ALA A 92 4.23 -1.83 -0.81
CA ALA A 92 4.86 -2.61 -1.87
C ALA A 92 3.90 -3.69 -2.35
N GLY A 93 3.74 -3.79 -3.67
CA GLY A 93 2.86 -4.79 -4.24
C GLY A 93 2.92 -4.67 -5.74
N HIS A 94 2.32 -5.64 -6.43
CA HIS A 94 2.32 -5.64 -7.88
C HIS A 94 1.01 -6.20 -8.42
N HIS A 95 0.62 -5.73 -9.61
CA HIS A 95 -0.49 -6.32 -10.36
C HIS A 95 0.04 -6.96 -11.63
N PRO A 96 -0.09 -8.28 -11.80
CA PRO A 96 0.31 -8.92 -13.06
C PRO A 96 -0.50 -8.40 -14.23
N PRO A 97 -0.07 -8.69 -15.46
CA PRO A 97 -0.92 -8.42 -16.60
C PRO A 97 -2.24 -9.14 -16.46
N PRO A 98 -3.29 -8.64 -17.10
CA PRO A 98 -4.55 -9.42 -17.19
C PRO A 98 -4.26 -10.84 -17.63
N GLN A 99 -4.84 -11.80 -16.91
CA GLN A 99 -4.61 -13.23 -17.13
C GLN A 99 -5.92 -13.96 -16.89
N ARG A 100 -6.39 -14.68 -17.91
CA ARG A 100 -7.53 -15.57 -17.74
C ARG A 100 -7.17 -16.66 -16.73
N PRO A 101 -8.16 -17.23 -16.05
CA PRO A 101 -7.84 -18.23 -15.02
C PRO A 101 -7.00 -19.38 -15.55
N GLU A 102 -7.32 -19.89 -16.74
CA GLU A 102 -6.56 -20.99 -17.31
C GLU A 102 -5.13 -20.61 -17.68
N GLU A 103 -4.82 -19.31 -17.73
CA GLU A 103 -3.48 -18.81 -18.04
C GLU A 103 -2.63 -18.56 -16.80
N THR A 104 -3.22 -18.68 -15.61
CA THR A 104 -2.47 -18.53 -14.38
C THR A 104 -1.81 -19.85 -14.00
N SER A 105 -0.88 -19.77 -13.07
CA SER A 105 -0.24 -20.96 -12.51
C SER A 105 -0.18 -20.86 -11.00
N ALA A 106 -0.16 -22.02 -10.35
CA ALA A 106 0.05 -22.04 -8.90
C ALA A 106 1.38 -21.40 -8.56
N GLN A 107 2.38 -21.59 -9.41
CA GLN A 107 3.70 -21.01 -9.19
C GLN A 107 3.64 -19.49 -9.19
N GLY A 108 2.98 -18.91 -10.20
CA GLY A 108 2.85 -17.47 -10.26
C GLY A 108 2.04 -16.93 -9.10
N PHE A 109 0.99 -17.68 -8.71
CA PHE A 109 0.17 -17.32 -7.57
C PHE A 109 1.00 -17.28 -6.29
N ARG A 110 1.84 -18.31 -6.07
CA ARG A 110 2.73 -18.30 -4.89
C ARG A 110 3.66 -17.09 -4.88
N GLN A 111 4.26 -16.77 -6.04
N GLN A 111 4.24 -16.76 -6.04
CA GLN A 111 5.14 -15.62 -6.11
CA GLN A 111 5.15 -15.62 -6.11
C GLN A 111 4.40 -14.34 -5.76
C GLN A 111 4.43 -14.31 -5.81
N LEU A 112 3.18 -14.18 -6.26
CA LEU A 112 2.45 -12.94 -5.98
C LEU A 112 2.05 -12.87 -4.51
N LEU A 113 1.70 -14.02 -3.92
CA LEU A 113 1.46 -14.07 -2.48
C LEU A 113 2.70 -13.63 -1.71
N GLU A 114 3.90 -14.02 -2.18
CA GLU A 114 5.11 -13.62 -1.45
C GLU A 114 5.22 -12.12 -1.33
N LEU A 115 4.92 -11.40 -2.41
CA LEU A 115 5.05 -9.95 -2.39
C LEU A 115 3.87 -9.31 -1.68
N ASN A 116 2.68 -9.54 -2.21
CA ASN A 116 1.52 -8.73 -1.81
C ASN A 116 1.03 -9.07 -0.42
N LEU A 117 1.21 -10.32 0.03
CA LEU A 117 0.72 -10.76 1.33
C LEU A 117 1.85 -10.99 2.32
N LEU A 118 2.80 -11.87 2.01
CA LEU A 118 3.77 -12.28 3.01
C LEU A 118 4.80 -11.19 3.29
N GLY A 119 5.10 -10.32 2.33
CA GLY A 119 5.98 -9.20 2.62
C GLY A 119 5.37 -8.24 3.63
N THR A 120 4.08 -7.99 3.50
CA THR A 120 3.34 -7.21 4.48
C THR A 120 3.34 -7.89 5.84
N TYR A 121 3.10 -9.20 5.87
CA TYR A 121 3.13 -9.96 7.12
C TYR A 121 4.50 -9.84 7.80
N THR A 122 5.58 -10.03 7.04
CA THR A 122 6.92 -10.13 7.63
C THR A 122 7.36 -8.79 8.22
N LEU A 123 7.20 -7.68 7.48
CA LEU A 123 7.55 -6.38 8.05
C LEU A 123 6.71 -6.08 9.28
N THR A 124 5.41 -6.35 9.21
CA THR A 124 4.55 -6.09 10.36
C THR A 124 5.04 -6.86 11.57
N LYS A 125 5.30 -8.16 11.40
CA LYS A 125 5.77 -8.98 12.52
C LYS A 125 7.04 -8.42 13.14
N LEU A 126 8.02 -8.05 12.31
CA LEU A 126 9.29 -7.58 12.83
C LEU A 126 9.17 -6.20 13.48
N ALA A 127 8.19 -5.41 13.04
CA ALA A 127 8.01 -4.07 13.58
C ALA A 127 7.17 -4.03 14.85
N LEU A 128 6.33 -5.03 15.09
CA LEU A 128 5.36 -4.91 16.18
C LEU A 128 6.00 -4.71 17.55
N PRO A 129 7.17 -5.29 17.88
CA PRO A 129 7.74 -5.01 19.21
C PRO A 129 8.01 -3.53 19.40
N TYR A 130 8.42 -2.81 18.34
CA TYR A 130 8.70 -1.38 18.45
C TYR A 130 7.42 -0.56 18.40
N LEU A 131 6.44 -0.99 17.60
CA LEU A 131 5.15 -0.32 17.57
C LEU A 131 4.44 -0.42 18.92
N ARG A 132 4.58 -1.55 19.61
CA ARG A 132 3.99 -1.65 20.95
C ARG A 132 4.59 -0.62 21.90
N LYS A 133 5.90 -0.38 21.82
CA LYS A 133 6.53 0.58 22.70
C LYS A 133 6.04 1.99 22.45
N SER A 134 5.75 2.34 21.21
CA SER A 134 5.32 3.68 20.82
C SER A 134 3.82 3.85 20.70
N GLN A 135 3.04 2.80 20.99
CA GLN A 135 1.61 2.72 20.65
C GLN A 135 1.36 3.22 19.24
N GLY A 136 2.16 2.67 18.33
CA GLY A 136 2.11 3.04 16.93
C GLY A 136 1.02 2.29 16.20
N ASN A 137 1.12 2.30 14.86
CA ASN A 137 0.04 1.72 14.06
C ASN A 137 0.58 1.19 12.74
N VAL A 138 -0.22 0.31 12.14
CA VAL A 138 0.06 -0.32 10.85
C VAL A 138 -1.00 0.11 9.85
N ILE A 139 -0.57 0.43 8.63
CA ILE A 139 -1.46 0.77 7.53
C ILE A 139 -1.10 -0.12 6.36
N ASN A 140 -2.02 -0.99 5.95
CA ASN A 140 -1.81 -1.83 4.79
C ASN A 140 -2.53 -1.26 3.57
N ILE A 141 -1.88 -1.31 2.42
CA ILE A 141 -2.48 -0.87 1.16
C ILE A 141 -3.04 -2.09 0.45
N SER A 142 -4.35 -2.24 0.46
CA SER A 142 -5.02 -3.36 -0.16
C SER A 142 -5.51 -2.92 -1.55
N SER A 143 -6.76 -3.19 -1.93
CA SER A 143 -7.38 -2.73 -3.17
C SER A 143 -8.87 -2.93 -3.04
N LEU A 144 -9.62 -2.03 -3.66
CA LEU A 144 -11.05 -2.26 -3.84
C LEU A 144 -11.35 -3.62 -4.45
N VAL A 145 -10.50 -4.13 -5.35
CA VAL A 145 -10.87 -5.37 -6.01
C VAL A 145 -10.79 -6.57 -5.09
N GLY A 146 -10.13 -6.44 -3.94
CA GLY A 146 -10.24 -7.49 -2.93
C GLY A 146 -11.65 -7.66 -2.42
N ALA A 147 -12.42 -6.57 -2.42
CA ALA A 147 -13.78 -6.53 -1.91
C ALA A 147 -14.83 -6.90 -2.95
N ILE A 148 -14.66 -6.46 -4.20
CA ILE A 148 -15.68 -6.59 -5.25
C ILE A 148 -15.24 -7.45 -6.40
N GLY A 149 -13.98 -7.89 -6.44
CA GLY A 149 -13.48 -8.67 -7.54
C GLY A 149 -13.00 -7.82 -8.71
N GLN A 150 -12.27 -8.48 -9.60
CA GLN A 150 -11.82 -7.92 -10.86
C GLN A 150 -11.75 -9.06 -11.87
N ALA A 151 -11.99 -8.74 -13.14
CA ALA A 151 -11.80 -9.74 -14.18
C ALA A 151 -10.32 -9.91 -14.52
N GLN A 152 -9.97 -11.13 -14.94
CA GLN A 152 -8.62 -11.50 -15.40
C GLN A 152 -7.55 -11.20 -14.36
N ALA A 153 -7.86 -11.51 -13.10
CA ALA A 153 -6.91 -11.23 -12.02
C ALA A 153 -7.13 -12.10 -10.79
N VAL A 154 -7.35 -13.39 -10.98
CA VAL A 154 -7.64 -14.27 -9.83
C VAL A 154 -6.54 -14.20 -8.77
N PRO A 155 -5.26 -14.36 -9.10
CA PRO A 155 -4.24 -14.29 -8.05
C PRO A 155 -4.18 -12.93 -7.36
N TYR A 156 -4.21 -11.82 -8.12
CA TYR A 156 -4.12 -10.50 -7.51
C TYR A 156 -5.27 -10.25 -6.56
N VAL A 157 -6.50 -10.55 -7.00
CA VAL A 157 -7.66 -10.33 -6.15
C VAL A 157 -7.55 -11.13 -4.88
N ALA A 158 -7.17 -12.41 -5.00
CA ALA A 158 -7.00 -13.24 -3.82
C ALA A 158 -6.01 -12.63 -2.84
N THR A 159 -4.87 -12.08 -3.32
CA THR A 159 -3.89 -11.53 -2.39
C THR A 159 -4.46 -10.32 -1.65
N LYS A 160 -5.28 -9.51 -2.32
CA LYS A 160 -5.81 -8.32 -1.66
C LYS A 160 -6.96 -8.66 -0.72
N GLY A 161 -7.78 -9.67 -1.05
CA GLY A 161 -8.73 -10.13 -0.05
C GLY A 161 -8.03 -10.63 1.20
N ALA A 162 -6.88 -11.29 1.02
CA ALA A 162 -6.11 -11.73 2.17
C ALA A 162 -5.60 -10.57 3.01
N VAL A 163 -5.07 -9.52 2.36
CA VAL A 163 -4.54 -8.38 3.10
C VAL A 163 -5.62 -7.72 3.93
N THR A 164 -6.80 -7.51 3.34
CA THR A 164 -7.87 -6.84 4.06
C THR A 164 -8.30 -7.66 5.25
N ALA A 165 -8.45 -8.98 5.07
CA ALA A 165 -8.85 -9.84 6.18
C ALA A 165 -7.77 -9.87 7.25
N MET A 166 -6.51 -10.01 6.86
CA MET A 166 -5.41 -10.05 7.81
C MET A 166 -5.36 -8.79 8.67
N THR A 167 -5.67 -7.64 8.05
CA THR A 167 -5.73 -6.38 8.78
C THR A 167 -6.67 -6.47 9.96
N LYS A 168 -7.86 -7.07 9.76
CA LYS A 168 -8.85 -7.19 10.83
C LYS A 168 -8.38 -8.15 11.92
N ALA A 169 -7.76 -9.28 11.53
CA ALA A 169 -7.25 -10.24 12.50
C ALA A 169 -6.18 -9.61 13.37
N LEU A 170 -5.24 -8.90 12.74
CA LEU A 170 -4.15 -8.28 13.50
C LEU A 170 -4.67 -7.14 14.37
N ALA A 171 -5.68 -6.40 13.89
CA ALA A 171 -6.30 -5.38 14.72
C ALA A 171 -6.85 -5.98 16.01
N LEU A 172 -7.50 -7.15 15.92
CA LEU A 172 -7.97 -7.79 17.13
C LEU A 172 -6.82 -8.17 18.05
N ASP A 173 -5.77 -8.77 17.49
CA ASP A 173 -4.66 -9.24 18.31
C ASP A 173 -3.91 -8.11 18.98
N GLU A 174 -3.76 -6.97 18.31
CA GLU A 174 -2.90 -5.91 18.86
C GLU A 174 -3.68 -4.86 19.65
N SER A 175 -5.00 -4.92 19.64
CA SER A 175 -5.82 -3.96 20.39
C SER A 175 -5.48 -3.88 21.88
N PRO A 176 -5.18 -4.98 22.59
CA PRO A 176 -4.81 -4.83 24.02
C PRO A 176 -3.57 -4.00 24.24
N TYR A 177 -2.71 -3.84 23.23
CA TYR A 177 -1.49 -3.07 23.37
C TYR A 177 -1.64 -1.65 22.87
N GLY A 178 -2.82 -1.28 22.38
CA GLY A 178 -3.01 0.06 21.90
C GLY A 178 -2.47 0.31 20.51
N VAL A 179 -2.13 -0.76 19.79
CA VAL A 179 -1.60 -0.68 18.44
C VAL A 179 -2.75 -0.90 17.46
N ARG A 180 -3.02 0.09 16.63
CA ARG A 180 -4.08 0.03 15.65
C ARG A 180 -3.54 -0.51 14.33
N VAL A 181 -4.39 -1.22 13.60
CA VAL A 181 -4.02 -1.84 12.34
C VAL A 181 -5.17 -1.58 11.39
N ASN A 182 -4.94 -0.80 10.32
CA ASN A 182 -5.98 -0.42 9.38
C ASN A 182 -5.50 -0.64 7.96
N CYS A 183 -6.43 -0.63 7.01
CA CYS A 183 -6.00 -0.67 5.61
C CYS A 183 -6.72 0.38 4.80
N ILE A 184 -6.07 0.74 3.69
CA ILE A 184 -6.66 1.59 2.67
C ILE A 184 -6.86 0.73 1.44
N SER A 185 -8.05 0.79 0.86
CA SER A 185 -8.35 0.11 -0.39
C SER A 185 -8.52 1.13 -1.51
N PRO A 186 -7.48 1.42 -2.28
CA PRO A 186 -7.65 2.34 -3.40
C PRO A 186 -8.39 1.66 -4.52
N GLY A 187 -9.02 2.48 -5.33
CA GLY A 187 -9.48 2.11 -6.64
C GLY A 187 -8.44 2.47 -7.67
N ASN A 188 -8.89 2.97 -8.80
CA ASN A 188 -8.02 3.35 -9.90
C ASN A 188 -7.23 4.62 -9.54
N ILE A 189 -5.93 4.46 -9.29
CA ILE A 189 -5.03 5.57 -8.99
C ILE A 189 -4.00 5.64 -10.11
N TRP A 190 -3.79 6.84 -10.65
CA TRP A 190 -2.89 7.01 -11.79
C TRP A 190 -1.45 6.96 -11.29
N THR A 191 -0.76 5.88 -11.60
CA THR A 191 0.58 5.54 -11.15
C THR A 191 1.36 4.92 -12.30
N PRO A 192 2.67 4.78 -12.16
CA PRO A 192 3.44 4.09 -13.21
C PRO A 192 2.96 2.68 -13.46
N LEU A 193 2.48 1.96 -12.43
CA LEU A 193 1.95 0.61 -12.65
C LEU A 193 0.69 0.67 -13.49
N TRP A 194 -0.22 1.61 -13.21
CA TRP A 194 -1.41 1.73 -14.05
C TRP A 194 -1.00 1.98 -15.50
N GLU A 195 -0.03 2.86 -15.71
CA GLU A 195 0.39 3.20 -17.06
C GLU A 195 1.04 1.99 -17.75
N GLU A 196 1.87 1.24 -17.02
CA GLU A 196 2.49 0.04 -17.59
C GLU A 196 1.45 -0.97 -18.05
N LEU A 197 0.44 -1.23 -17.21
CA LEU A 197 -0.60 -2.19 -17.57
C LEU A 197 -1.37 -1.73 -18.80
N ALA A 198 -1.78 -0.46 -18.81
CA ALA A 198 -2.51 0.05 -19.98
C ALA A 198 -1.69 -0.08 -21.26
N ALA A 199 -0.37 0.09 -21.17
CA ALA A 199 0.46 0.09 -22.37
C ALA A 199 0.53 -1.27 -23.05
N LEU A 200 0.28 -2.36 -22.32
CA LEU A 200 0.28 -3.68 -22.92
C LEU A 200 -1.09 -4.09 -23.45
N MET A 201 -2.09 -3.22 -23.32
CA MET A 201 -3.43 -3.54 -23.77
C MET A 201 -3.57 -3.32 -25.26
N PRO A 202 -4.53 -4.01 -25.89
CA PRO A 202 -4.80 -3.75 -27.32
C PRO A 202 -4.94 -2.28 -27.67
N ASP A 203 -5.70 -1.53 -26.88
CA ASP A 203 -5.96 -0.11 -27.13
C ASP A 203 -5.72 0.62 -25.82
N PRO A 204 -4.47 1.01 -25.55
CA PRO A 204 -4.16 1.66 -24.26
C PRO A 204 -5.02 2.88 -23.97
N ARG A 205 -5.28 3.72 -24.98
CA ARG A 205 -6.06 4.93 -24.74
C ARG A 205 -7.48 4.59 -24.32
N ALA A 206 -8.07 3.55 -24.91
CA ALA A 206 -9.41 3.13 -24.51
C ALA A 206 -9.41 2.60 -23.09
N THR A 207 -8.38 1.84 -22.73
CA THR A 207 -8.28 1.33 -21.37
C THR A 207 -8.19 2.45 -20.36
N ILE A 208 -7.39 3.48 -20.64
CA ILE A 208 -7.29 4.62 -19.74
C ILE A 208 -8.62 5.33 -19.63
N ARG A 209 -9.33 5.50 -20.75
CA ARG A 209 -10.62 6.18 -20.69
C ARG A 209 -11.62 5.38 -19.87
N GLU A 210 -11.68 4.07 -20.08
CA GLU A 210 -12.53 3.21 -19.25
C GLU A 210 -12.15 3.34 -17.78
N GLY A 211 -10.85 3.44 -17.50
CA GLY A 211 -10.41 3.58 -16.11
C GLY A 211 -10.92 4.85 -15.46
N MET A 212 -10.93 5.97 -16.20
CA MET A 212 -11.48 7.21 -15.68
C MET A 212 -12.99 7.11 -15.46
N LEU A 213 -13.71 6.49 -16.39
CA LEU A 213 -15.17 6.43 -16.32
C LEU A 213 -15.67 5.36 -15.36
N ALA A 214 -14.77 4.58 -14.76
CA ALA A 214 -15.18 3.59 -13.78
C ALA A 214 -15.56 4.23 -12.47
N GLN A 215 -15.23 5.50 -12.27
CA GLN A 215 -15.58 6.23 -11.08
C GLN A 215 -16.70 7.21 -11.37
N PRO A 216 -17.71 7.33 -10.49
CA PRO A 216 -18.69 8.42 -10.69
C PRO A 216 -18.05 9.80 -10.78
N LEU A 217 -16.90 10.00 -10.11
CA LEU A 217 -16.23 11.30 -10.19
C LEU A 217 -15.60 11.56 -11.56
N GLY A 218 -15.45 10.53 -12.39
CA GLY A 218 -15.04 10.70 -13.78
C GLY A 218 -13.55 10.93 -13.99
N ARG A 219 -12.73 10.66 -12.99
CA ARG A 219 -11.28 10.74 -13.07
C ARG A 219 -10.71 9.64 -12.21
N MET A 220 -9.42 9.37 -12.42
CA MET A 220 -8.66 8.49 -11.52
C MET A 220 -8.15 9.30 -10.32
N GLY A 221 -7.77 8.57 -9.28
CA GLY A 221 -7.22 9.19 -8.10
C GLY A 221 -5.73 9.44 -8.22
N GLN A 222 -5.20 10.19 -7.24
CA GLN A 222 -3.80 10.58 -7.22
C GLN A 222 -3.11 9.96 -6.00
N PRO A 223 -1.81 9.65 -6.14
CA PRO A 223 -1.06 9.22 -4.95
C PRO A 223 -1.20 10.15 -3.75
N ALA A 224 -1.25 11.47 -3.96
CA ALA A 224 -1.39 12.40 -2.85
C ALA A 224 -2.67 12.16 -2.06
N GLU A 225 -3.74 11.71 -2.73
CA GLU A 225 -5.01 11.43 -2.06
C GLU A 225 -4.90 10.19 -1.18
N VAL A 226 -4.21 9.15 -1.65
CA VAL A 226 -3.96 8.00 -0.80
C VAL A 226 -3.07 8.40 0.36
N GLY A 227 -2.10 9.28 0.10
CA GLY A 227 -1.22 9.73 1.16
C GLY A 227 -1.94 10.48 2.26
N ALA A 228 -2.90 11.34 1.90
CA ALA A 228 -3.67 12.06 2.92
C ALA A 228 -4.48 11.10 3.79
N ALA A 229 -5.05 10.06 3.17
CA ALA A 229 -5.78 9.06 3.93
C ALA A 229 -4.86 8.34 4.90
N ALA A 230 -3.62 8.05 4.48
CA ALA A 230 -2.68 7.38 5.36
C ALA A 230 -2.30 8.26 6.54
N VAL A 231 -2.07 9.56 6.31
CA VAL A 231 -1.72 10.44 7.41
C VAL A 231 -2.87 10.56 8.39
N PHE A 232 -4.12 10.59 7.89
CA PHE A 232 -5.27 10.58 8.78
C PHE A 232 -5.28 9.35 9.68
N LEU A 233 -5.14 8.16 9.08
CA LEU A 233 -5.17 6.94 9.86
C LEU A 233 -4.06 6.90 10.91
N ALA A 234 -2.87 7.39 10.57
CA ALA A 234 -1.76 7.38 11.53
C ALA A 234 -1.98 8.39 12.65
N SER A 235 -2.42 9.60 12.32
CA SER A 235 -2.26 10.72 13.24
C SER A 235 -3.53 11.16 13.95
N GLU A 236 -4.72 10.88 13.41
CA GLU A 236 -5.96 11.45 13.88
C GLU A 236 -7.11 10.44 13.95
N ALA A 237 -6.83 9.16 13.87
CA ALA A 237 -7.89 8.14 13.84
C ALA A 237 -7.74 7.19 15.02
N ASN A 238 -7.64 7.77 16.22
CA ASN A 238 -7.27 6.99 17.39
C ASN A 238 -8.33 6.00 17.85
N PHE A 239 -9.57 6.10 17.36
CA PHE A 239 -10.63 5.13 17.64
C PHE A 239 -10.93 4.25 16.43
N CYS A 240 -10.08 4.26 15.41
CA CYS A 240 -10.24 3.41 14.24
C CYS A 240 -9.22 2.27 14.30
N THR A 241 -9.70 1.04 14.30
CA THR A 241 -8.82 -0.10 14.14
C THR A 241 -9.58 -1.16 13.35
N GLY A 242 -8.86 -1.83 12.46
CA GLY A 242 -9.49 -2.83 11.61
C GLY A 242 -10.40 -2.32 10.54
N ILE A 243 -10.30 -1.04 10.15
CA ILE A 243 -11.17 -0.50 9.13
C ILE A 243 -10.50 -0.66 7.77
N GLU A 244 -11.36 -0.62 6.74
CA GLU A 244 -10.97 -0.58 5.33
C GLU A 244 -11.44 0.76 4.80
N LEU A 245 -10.49 1.67 4.60
CA LEU A 245 -10.79 3.03 4.13
C LEU A 245 -10.75 3.05 2.62
N LEU A 246 -11.90 3.26 1.99
CA LEU A 246 -12.01 3.24 0.53
C LEU A 246 -11.56 4.58 -0.03
N VAL A 247 -10.62 4.55 -0.97
CA VAL A 247 -10.17 5.72 -1.70
C VAL A 247 -10.34 5.41 -3.19
N THR A 248 -11.59 5.45 -3.67
CA THR A 248 -11.99 4.82 -4.91
C THR A 248 -12.78 5.72 -5.84
N GLY A 249 -13.10 6.94 -5.43
CA GLY A 249 -13.91 7.82 -6.25
C GLY A 249 -15.34 7.34 -6.49
N GLY A 250 -15.82 6.42 -5.66
CA GLY A 250 -17.16 5.88 -5.82
C GLY A 250 -17.31 4.73 -6.78
N ALA A 251 -16.20 4.10 -7.19
CA ALA A 251 -16.25 3.05 -8.22
C ALA A 251 -17.19 1.91 -7.83
N GLU A 252 -17.35 1.66 -6.54
CA GLU A 252 -18.17 0.54 -6.06
C GLU A 252 -19.66 0.85 -6.03
N LEU A 253 -20.06 2.09 -6.32
CA LEU A 253 -21.44 2.53 -6.18
C LEU A 253 -22.22 2.35 -7.48
N GLY A 254 -23.47 1.96 -7.35
CA GLY A 254 -24.37 1.93 -8.49
C GLY A 254 -24.14 0.81 -9.49
N TYR A 255 -25.09 0.69 -10.42
CA TYR A 255 -25.01 -0.27 -11.50
C TYR A 255 -24.10 0.27 -12.60
N GLY A 256 -23.46 -0.66 -13.31
CA GLY A 256 -22.59 -0.29 -14.40
C GLY A 256 -22.57 -1.32 -15.49
N CYS A 257 -21.58 -1.27 -16.38
N CYS A 257 -21.53 -1.32 -16.31
CA CYS A 257 -21.45 -2.21 -17.50
CA CYS A 257 -21.42 -2.19 -17.48
C CYS A 257 -20.54 -3.34 -17.07
C CYS A 257 -20.53 -3.38 -17.14
N LYS A 258 -21.13 -4.49 -16.74
CA LYS A 258 -20.36 -5.62 -16.24
C LYS A 258 -20.29 -6.82 -17.18
N ALA A 259 -21.12 -6.87 -18.20
CA ALA A 259 -21.05 -7.95 -19.18
C ALA A 259 -20.20 -7.51 -20.38
N PRO A 268 -35.24 -10.68 -22.03
CA PRO A 268 -34.18 -10.01 -21.29
C PRO A 268 -33.69 -10.83 -20.12
N ASP A 269 -34.51 -11.80 -19.69
CA ASP A 269 -34.20 -12.63 -18.53
C ASP A 269 -33.82 -14.05 -18.91
N ILE A 270 -33.38 -14.27 -20.15
CA ILE A 270 -33.00 -15.61 -20.62
C ILE A 270 -31.63 -15.55 -21.29
#